data_5GYI
#
_entry.id   5GYI
#
_cell.length_a   42.664
_cell.length_b   70.146
_cell.length_c   86.068
_cell.angle_alpha   90.000
_cell.angle_beta   90.000
_cell.angle_gamma   90.000
#
_symmetry.space_group_name_H-M   'P 2 21 21'
#
loop_
_entity.id
_entity.type
_entity.pdbx_description
1 polymer Endo-1,4-beta-xylanase
2 water water
#
_entity_poly.entity_id   1
_entity_poly.type   'polypeptide(L)'
_entity_poly.pdbx_seq_one_letter_code
;MGEQVVKPTDERIIDPSTANTQLTGGVTYNTTSGGNKPLAGSPYGYETWIDTGGGVCSLTWYGADQGGGAAFKATWTNPH
DFLGRLGYFWNENKPYSHYENIYCGFNYTRSGRKTAGDYSYIGIYGWSRNPSASNSNERLIEYYIVEDWFGNQWQADTSP
MGINTTGGTVMGSFTCDGSSYQIIKNTRVNQPSIEGDKTFVQYFSIRQSPRKSGTISITCHFKKWEKLGMKLGDNMYECK
FLIEAGAGEGFFDARLIQFYRADNEGNILQITPLEHHHHHH
;
_entity_poly.pdbx_strand_id   A
#
# COMPACT_ATOMS: atom_id res chain seq x y z
N GLN A 4 -11.86 -2.57 -21.68
CA GLN A 4 -11.87 -1.23 -22.35
C GLN A 4 -10.64 -0.37 -22.01
N VAL A 5 -10.04 -0.64 -20.85
CA VAL A 5 -8.76 -0.03 -20.48
C VAL A 5 -7.69 -1.00 -20.98
N VAL A 6 -6.79 -0.49 -21.82
CA VAL A 6 -5.72 -1.29 -22.41
C VAL A 6 -4.58 -1.49 -21.42
N LYS A 7 -4.18 -2.76 -21.24
CA LYS A 7 -3.02 -3.14 -20.42
C LYS A 7 -1.75 -2.53 -21.00
N PRO A 8 -0.98 -1.75 -20.20
CA PRO A 8 0.26 -1.17 -20.70
C PRO A 8 1.28 -2.24 -21.13
N THR A 9 1.89 -2.00 -22.28
CA THR A 9 2.79 -2.94 -22.97
C THR A 9 4.25 -2.46 -22.90
N ASP A 10 4.43 -1.20 -22.47
CA ASP A 10 5.73 -0.51 -22.43
C ASP A 10 6.89 -1.36 -21.92
N GLU A 11 8.03 -1.29 -22.63
CA GLU A 11 9.19 -2.14 -22.36
C GLU A 11 9.90 -1.79 -21.04
N ARG A 12 9.67 -0.60 -20.53
CA ARG A 12 10.22 -0.17 -19.23
C ARG A 12 9.56 -0.88 -18.04
N ILE A 13 8.33 -1.36 -18.22
CA ILE A 13 7.67 -2.25 -17.25
C ILE A 13 8.45 -3.58 -17.03
N ILE A 14 8.89 -3.81 -15.80
CA ILE A 14 9.56 -5.04 -15.38
C ILE A 14 8.50 -6.12 -15.06
N ASP A 15 8.66 -7.31 -15.65
CA ASP A 15 7.79 -8.46 -15.36
C ASP A 15 7.95 -8.90 -13.88
N PRO A 16 6.90 -8.72 -13.04
CA PRO A 16 7.05 -8.99 -11.59
C PRO A 16 7.38 -10.45 -11.27
N SER A 17 6.94 -11.37 -12.14
CA SER A 17 7.03 -12.81 -11.87
C SER A 17 8.47 -13.31 -11.83
N THR A 18 9.33 -12.69 -12.65
CA THR A 18 10.74 -13.05 -12.75
C THR A 18 11.69 -12.01 -12.12
N ALA A 19 11.11 -11.04 -11.41
CA ALA A 19 11.90 -10.03 -10.71
C ALA A 19 12.34 -10.55 -9.34
N ASN A 20 13.27 -11.50 -9.32
CA ASN A 20 13.67 -12.14 -8.08
C ASN A 20 15.13 -11.98 -7.63
N THR A 21 15.83 -10.99 -8.17
CA THR A 21 17.22 -10.70 -7.76
C THR A 21 17.27 -9.84 -6.48
N GLN A 22 17.88 -10.39 -5.44
CA GLN A 22 18.15 -9.65 -4.20
C GLN A 22 18.88 -8.33 -4.50
N LEU A 23 18.36 -7.23 -3.95
CA LEU A 23 18.99 -5.91 -4.08
C LEU A 23 19.82 -5.57 -2.84
N THR A 24 20.81 -4.68 -3.01
CA THR A 24 21.67 -4.21 -1.90
C THR A 24 21.93 -2.70 -1.93
N GLY A 25 22.43 -2.17 -0.81
CA GLY A 25 22.77 -0.76 -0.71
C GLY A 25 21.59 0.10 -0.32
N GLY A 26 21.76 1.41 -0.43
CA GLY A 26 20.78 2.37 0.02
C GLY A 26 20.94 2.71 1.48
N VAL A 27 20.24 3.76 1.89
CA VAL A 27 20.21 4.27 3.26
C VAL A 27 19.14 3.58 4.09
N THR A 28 19.53 3.11 5.27
CA THR A 28 18.58 2.52 6.20
C THR A 28 18.15 3.59 7.19
N TYR A 29 16.84 3.72 7.40
CA TYR A 29 16.27 4.60 8.42
C TYR A 29 15.77 3.79 9.60
N ASN A 30 16.16 4.18 10.80
CA ASN A 30 15.75 3.49 12.03
C ASN A 30 14.70 4.21 12.87
N THR A 31 14.28 5.39 12.43
CA THR A 31 13.40 6.23 13.26
C THR A 31 12.19 6.72 12.46
N THR A 32 11.17 7.18 13.19
CA THR A 32 9.98 7.82 12.62
C THR A 32 10.41 8.98 11.72
N SER A 33 9.76 9.10 10.56
CA SER A 33 10.14 10.15 9.61
C SER A 33 9.38 11.45 9.82
N GLY A 34 8.23 11.38 10.49
CA GLY A 34 7.36 12.56 10.69
C GLY A 34 6.68 12.96 9.40
N GLY A 35 5.93 12.01 8.84
CA GLY A 35 5.24 12.24 7.59
C GLY A 35 6.09 11.81 6.43
N ASN A 36 5.65 12.22 5.25
CA ASN A 36 6.32 11.90 4.00
C ASN A 36 7.67 12.61 3.94
N LYS A 37 8.70 11.89 3.54
CA LYS A 37 9.98 12.53 3.26
C LYS A 37 10.38 12.20 1.83
N PRO A 38 10.59 13.24 0.98
CA PRO A 38 10.98 12.99 -0.41
C PRO A 38 12.36 12.36 -0.52
N LEU A 39 12.54 11.56 -1.57
CA LEU A 39 13.77 10.81 -1.79
C LEU A 39 14.50 11.46 -2.95
N ALA A 40 15.81 11.65 -2.80
CA ALA A 40 16.62 12.35 -3.83
C ALA A 40 16.55 11.62 -5.15
N GLY A 41 16.37 12.37 -6.23
CA GLY A 41 16.39 11.80 -7.59
C GLY A 41 15.29 10.82 -7.89
N SER A 42 14.16 10.99 -7.18
CA SER A 42 13.01 10.12 -7.25
C SER A 42 11.70 10.90 -7.19
N PRO A 43 10.65 10.42 -7.90
CA PRO A 43 9.32 11.01 -7.71
C PRO A 43 8.65 10.60 -6.39
N TYR A 44 9.24 9.62 -5.70
CA TYR A 44 8.64 9.02 -4.51
C TYR A 44 9.07 9.67 -3.21
N GLY A 45 8.22 9.43 -2.21
CA GLY A 45 8.54 9.71 -0.83
C GLY A 45 8.32 8.45 0.00
N TYR A 46 9.04 8.36 1.13
CA TYR A 46 8.84 7.29 2.09
C TYR A 46 8.22 7.87 3.36
N GLU A 47 7.60 6.99 4.15
CA GLU A 47 7.27 7.30 5.53
C GLU A 47 7.52 6.09 6.41
N THR A 48 8.03 6.35 7.61
CA THR A 48 8.13 5.36 8.67
C THR A 48 7.40 5.84 9.92
N TRP A 49 6.66 4.92 10.52
CA TRP A 49 6.12 5.08 11.86
C TRP A 49 6.76 4.00 12.74
N ILE A 50 7.69 4.43 13.58
CA ILE A 50 8.44 3.56 14.49
C ILE A 50 8.28 4.09 15.94
N ASP A 51 7.29 3.54 16.62
CA ASP A 51 6.93 3.88 18.00
C ASP A 51 8.09 3.50 18.92
N THR A 52 8.66 4.49 19.60
CA THR A 52 9.88 4.30 20.43
C THR A 52 9.66 3.44 21.69
N GLY A 53 8.38 3.20 22.05
CA GLY A 53 8.02 2.26 23.13
C GLY A 53 8.18 0.78 22.79
N GLY A 54 8.59 0.50 21.54
CA GLY A 54 8.80 -0.85 21.03
C GLY A 54 10.24 -1.04 20.62
N GLY A 55 10.51 -2.15 19.95
CA GLY A 55 11.89 -2.56 19.59
C GLY A 55 12.41 -1.96 18.29
N VAL A 56 13.56 -2.47 17.83
CA VAL A 56 14.24 -1.97 16.62
C VAL A 56 13.40 -2.16 15.34
N CYS A 57 13.19 -1.08 14.58
CA CYS A 57 12.65 -1.19 13.23
C CYS A 57 13.50 -0.40 12.25
N SER A 58 13.37 -0.73 10.97
CA SER A 58 14.11 -0.06 9.90
C SER A 58 13.37 -0.10 8.59
N LEU A 59 13.70 0.87 7.74
CA LEU A 59 13.32 0.85 6.33
C LEU A 59 14.52 1.27 5.48
N THR A 60 14.76 0.54 4.39
CA THR A 60 15.87 0.83 3.49
C THR A 60 15.39 0.98 2.05
N TRP A 61 15.49 2.20 1.52
CA TRP A 61 15.19 2.45 0.13
C TRP A 61 16.35 1.95 -0.76
N TYR A 62 16.02 1.08 -1.71
CA TYR A 62 17.03 0.56 -2.64
C TYR A 62 17.45 1.50 -3.77
N GLY A 63 16.90 2.72 -3.79
CA GLY A 63 17.36 3.75 -4.72
C GLY A 63 16.56 3.89 -6.01
N ALA A 64 16.97 4.84 -6.84
CA ALA A 64 16.23 5.26 -8.02
C ALA A 64 16.52 4.41 -9.26
N ASP A 65 17.58 3.61 -9.20
CA ASP A 65 18.14 2.96 -10.40
C ASP A 65 18.01 1.45 -10.44
N GLN A 66 17.25 0.88 -9.50
CA GLN A 66 17.06 -0.58 -9.44
C GLN A 66 15.74 -0.98 -8.78
N GLY A 67 15.27 -2.17 -9.13
CA GLY A 67 14.05 -2.74 -8.53
C GLY A 67 12.80 -1.91 -8.76
N GLY A 68 12.73 -1.29 -9.94
CA GLY A 68 11.59 -0.47 -10.33
C GLY A 68 11.55 0.93 -9.73
N GLY A 69 12.48 1.23 -8.82
CA GLY A 69 12.65 2.56 -8.25
C GLY A 69 11.95 2.84 -6.93
N ALA A 70 10.99 1.99 -6.55
CA ALA A 70 10.30 2.15 -5.24
C ALA A 70 10.59 1.02 -4.26
N ALA A 71 11.55 0.16 -4.61
CA ALA A 71 11.82 -1.05 -3.86
C ALA A 71 12.47 -0.72 -2.51
N PHE A 72 11.97 -1.37 -1.46
CA PHE A 72 12.54 -1.24 -0.13
C PHE A 72 12.57 -2.55 0.67
N LYS A 73 13.40 -2.56 1.71
CA LYS A 73 13.47 -3.61 2.71
C LYS A 73 13.01 -3.00 4.04
N ALA A 74 12.30 -3.77 4.85
CA ALA A 74 11.99 -3.35 6.23
C ALA A 74 12.17 -4.47 7.23
N THR A 75 12.47 -4.09 8.47
CA THR A 75 12.64 -5.04 9.57
C THR A 75 11.92 -4.47 10.80
N TRP A 76 11.45 -5.36 11.67
CA TRP A 76 10.81 -4.97 12.92
C TRP A 76 11.13 -6.06 13.94
N THR A 77 11.33 -5.62 15.17
CA THR A 77 11.64 -6.50 16.30
C THR A 77 10.77 -6.04 17.45
N ASN A 78 9.68 -6.78 17.64
CA ASN A 78 8.66 -6.47 18.65
C ASN A 78 8.20 -5.01 18.61
N PRO A 79 7.71 -4.55 17.43
CA PRO A 79 7.22 -3.17 17.32
C PRO A 79 5.85 -2.99 17.98
N HIS A 80 5.43 -1.74 18.11
CA HIS A 80 4.05 -1.42 18.41
C HIS A 80 3.49 -0.76 17.14
N ASP A 81 2.87 -1.58 16.29
CA ASP A 81 2.29 -1.16 15.01
C ASP A 81 3.29 -0.42 14.10
N PHE A 82 4.30 -1.15 13.61
CA PHE A 82 5.26 -0.60 12.63
C PHE A 82 4.56 -0.37 11.31
N LEU A 83 4.78 0.81 10.73
CA LEU A 83 4.41 1.05 9.33
C LEU A 83 5.59 1.62 8.56
N GLY A 84 6.00 0.91 7.52
CA GLY A 84 7.01 1.38 6.59
C GLY A 84 6.36 1.44 5.22
N ARG A 85 6.45 2.61 4.57
CA ARG A 85 5.80 2.79 3.26
C ARG A 85 6.55 3.73 2.34
N LEU A 86 6.39 3.48 1.03
CA LEU A 86 7.11 4.21 -0.03
C LEU A 86 6.31 4.19 -1.33
N GLY A 87 6.15 5.35 -1.94
CA GLY A 87 5.39 5.50 -3.18
C GLY A 87 5.11 6.95 -3.51
N TYR A 88 4.07 7.14 -4.32
CA TYR A 88 3.58 8.48 -4.69
C TYR A 88 3.11 9.23 -3.43
N PHE A 89 3.62 10.45 -3.25
CA PHE A 89 3.00 11.43 -2.36
C PHE A 89 2.35 12.52 -3.20
N TRP A 90 1.06 12.76 -2.95
CA TRP A 90 0.30 13.67 -3.78
C TRP A 90 -0.10 14.89 -2.99
N ASN A 91 -1.30 14.89 -2.40
CA ASN A 91 -1.76 15.94 -1.49
C ASN A 91 -1.83 17.33 -2.18
N GLU A 92 -2.27 17.31 -3.42
CA GLU A 92 -2.23 18.48 -4.29
C GLU A 92 -3.63 18.79 -4.85
N ASN A 93 -4.66 18.40 -4.09
CA ASN A 93 -6.06 18.72 -4.36
C ASN A 93 -6.60 18.09 -5.65
N LYS A 94 -6.22 16.86 -5.93
CA LYS A 94 -6.75 16.16 -7.11
C LYS A 94 -7.49 14.88 -6.70
N PRO A 95 -8.61 14.57 -7.39
CA PRO A 95 -9.23 13.28 -7.12
C PRO A 95 -8.46 12.13 -7.79
N TYR A 96 -8.80 10.90 -7.42
CA TYR A 96 -8.09 9.73 -7.96
C TYR A 96 -8.07 9.69 -9.49
N SER A 97 -9.18 10.12 -10.10
CA SER A 97 -9.36 10.09 -11.56
C SER A 97 -8.33 10.93 -12.30
N HIS A 98 -7.84 11.99 -11.65
CA HIS A 98 -6.75 12.82 -12.19
C HIS A 98 -5.49 12.01 -12.55
N TYR A 99 -5.24 10.94 -11.80
CA TYR A 99 -3.99 10.19 -11.91
C TYR A 99 -4.09 9.07 -12.95
N GLU A 100 -5.33 8.84 -13.42
CA GLU A 100 -5.65 7.86 -14.48
C GLU A 100 -5.35 6.41 -14.05
N ASN A 101 -4.87 5.55 -14.95
CA ASN A 101 -4.72 4.15 -14.58
C ASN A 101 -3.39 3.88 -13.87
N ILE A 102 -3.47 3.68 -12.56
CA ILE A 102 -2.31 3.53 -11.66
C ILE A 102 -2.02 2.05 -11.50
N TYR A 103 -0.73 1.69 -11.64
CA TYR A 103 -0.28 0.30 -11.52
C TYR A 103 0.94 0.19 -10.59
N CYS A 104 1.04 -0.92 -9.88
CA CYS A 104 2.27 -1.24 -9.14
C CYS A 104 2.70 -2.70 -9.36
N GLY A 105 3.81 -2.89 -10.06
CA GLY A 105 4.46 -4.21 -10.21
C GLY A 105 5.34 -4.49 -8.98
N PHE A 106 5.17 -5.66 -8.38
CA PHE A 106 5.87 -5.97 -7.12
C PHE A 106 6.34 -7.41 -7.05
N ASN A 107 7.37 -7.61 -6.27
CA ASN A 107 7.90 -8.92 -5.94
C ASN A 107 8.76 -8.75 -4.71
N TYR A 108 8.46 -9.53 -3.66
CA TYR A 108 9.22 -9.47 -2.41
C TYR A 108 9.29 -10.80 -1.68
N THR A 109 10.25 -10.91 -0.76
CA THR A 109 10.29 -11.96 0.24
C THR A 109 9.89 -11.36 1.58
N ARG A 110 9.43 -12.20 2.49
CA ARG A 110 9.08 -11.78 3.85
C ARG A 110 9.31 -12.96 4.78
N SER A 111 9.32 -12.69 6.08
CA SER A 111 9.29 -13.74 7.07
C SER A 111 7.92 -14.45 7.04
N GLY A 112 7.85 -15.66 7.62
CA GLY A 112 6.68 -16.51 7.52
C GLY A 112 5.54 -16.19 8.47
N ARG A 113 4.60 -17.13 8.55
CA ARG A 113 3.42 -17.03 9.42
C ARG A 113 3.79 -16.65 10.84
N LYS A 114 3.02 -15.73 11.41
CA LYS A 114 3.12 -15.33 12.81
C LYS A 114 4.44 -14.60 13.15
N THR A 115 5.00 -13.86 12.19
CA THR A 115 6.20 -13.05 12.46
C THR A 115 5.90 -11.53 12.51
N ALA A 116 4.62 -11.17 12.51
CA ALA A 116 4.21 -9.78 12.54
C ALA A 116 2.99 -9.48 13.48
N GLY A 117 2.81 -10.29 14.51
CA GLY A 117 1.75 -10.07 15.50
C GLY A 117 0.36 -10.48 15.04
N ASP A 118 -0.67 -9.98 15.73
CA ASP A 118 -2.06 -10.39 15.54
C ASP A 118 -2.66 -9.81 14.28
N TYR A 119 -2.13 -8.67 13.84
CA TYR A 119 -2.53 -8.04 12.60
C TYR A 119 -1.31 -7.52 11.83
N SER A 120 -1.46 -7.48 10.51
CA SER A 120 -0.41 -7.07 9.57
C SER A 120 -1.04 -6.83 8.19
N TYR A 121 -0.40 -5.97 7.40
CA TYR A 121 -0.86 -5.64 6.04
C TYR A 121 0.32 -5.48 5.09
N ILE A 122 0.17 -5.99 3.88
CA ILE A 122 1.11 -5.70 2.78
C ILE A 122 0.27 -5.33 1.57
N GLY A 123 0.64 -4.24 0.92
CA GLY A 123 -0.01 -3.85 -0.31
C GLY A 123 0.02 -2.36 -0.51
N ILE A 124 -1.08 -1.80 -1.00
CA ILE A 124 -1.13 -0.38 -1.29
C ILE A 124 -1.89 0.31 -0.16
N TYR A 125 -1.51 1.55 0.12
CA TYR A 125 -2.05 2.30 1.24
C TYR A 125 -2.01 3.77 0.90
N GLY A 126 -2.98 4.50 1.47
CA GLY A 126 -2.92 5.94 1.47
C GLY A 126 -4.10 6.55 2.19
N TRP A 127 -4.27 7.86 1.96
CA TRP A 127 -5.43 8.60 2.44
C TRP A 127 -6.01 9.42 1.28
N SER A 128 -7.25 9.90 1.48
CA SER A 128 -7.89 10.88 0.61
C SER A 128 -8.84 11.75 1.44
N ARG A 129 -9.13 12.95 0.95
CA ARG A 129 -9.99 13.88 1.68
C ARG A 129 -11.23 14.22 0.86
N ASN A 130 -12.40 14.17 1.51
CA ASN A 130 -13.67 14.48 0.88
C ASN A 130 -14.48 15.50 1.71
N PRO A 131 -13.96 16.74 1.84
CA PRO A 131 -14.54 17.72 2.75
C PRO A 131 -16.01 18.09 2.48
N SER A 132 -16.46 17.96 1.24
CA SER A 132 -17.85 18.28 0.91
C SER A 132 -18.87 17.15 1.19
N ALA A 133 -18.40 15.99 1.65
CA ALA A 133 -19.32 14.90 2.03
C ALA A 133 -20.26 15.40 3.15
N SER A 134 -21.54 15.11 3.02
CA SER A 134 -22.53 15.51 4.06
C SER A 134 -22.34 14.72 5.36
N ASN A 135 -21.92 13.46 5.23
CA ASN A 135 -21.55 12.67 6.40
C ASN A 135 -20.12 13.04 6.83
N SER A 136 -20.02 13.80 7.92
CA SER A 136 -18.71 14.23 8.43
C SER A 136 -17.71 13.09 8.65
N ASN A 137 -18.20 11.90 8.99
CA ASN A 137 -17.36 10.70 9.16
C ASN A 137 -16.62 10.28 7.89
N GLU A 138 -17.18 10.64 6.73
CA GLU A 138 -16.63 10.21 5.45
C GLU A 138 -15.75 11.27 4.79
N ARG A 139 -15.52 12.38 5.49
CA ARG A 139 -14.68 13.49 4.99
C ARG A 139 -13.18 13.16 4.93
N LEU A 140 -12.76 12.17 5.72
CA LEU A 140 -11.38 11.66 5.67
C LEU A 140 -11.40 10.14 5.53
N ILE A 141 -10.58 9.62 4.61
CA ILE A 141 -10.56 8.19 4.28
C ILE A 141 -9.13 7.66 4.39
N GLU A 142 -8.96 6.57 5.14
CA GLU A 142 -7.71 5.84 5.15
C GLU A 142 -7.97 4.57 4.34
N TYR A 143 -7.10 4.23 3.38
CA TYR A 143 -7.38 3.10 2.48
C TYR A 143 -6.25 2.09 2.38
N TYR A 144 -6.62 0.81 2.19
CA TYR A 144 -5.72 -0.33 2.07
C TYR A 144 -6.13 -1.25 0.91
N ILE A 145 -5.17 -1.66 0.10
CA ILE A 145 -5.36 -2.77 -0.86
C ILE A 145 -4.41 -3.84 -0.40
N VAL A 146 -4.95 -4.93 0.13
CA VAL A 146 -4.16 -5.88 0.95
C VAL A 146 -3.91 -7.15 0.13
N GLU A 147 -2.70 -7.24 -0.43
CA GLU A 147 -2.27 -8.37 -1.25
C GLU A 147 -1.87 -9.59 -0.45
N ASP A 148 -1.51 -9.39 0.81
CA ASP A 148 -0.81 -10.41 1.61
C ASP A 148 -0.79 -9.94 3.06
N TRP A 149 -0.50 -10.88 3.96
CA TRP A 149 -0.23 -10.59 5.36
C TRP A 149 0.53 -11.77 5.99
N PHE A 150 0.75 -11.69 7.29
CA PHE A 150 1.59 -12.69 7.96
C PHE A 150 0.76 -13.72 8.71
N GLY A 151 -0.58 -13.59 8.64
CA GLY A 151 -1.48 -14.43 9.43
C GLY A 151 -1.20 -14.18 10.91
N ASN A 152 -1.64 -15.09 11.78
CA ASN A 152 -1.37 -14.98 13.19
C ASN A 152 -1.45 -16.35 13.84
N GLN A 153 -1.62 -16.38 15.16
CA GLN A 153 -1.68 -17.64 15.89
C GLN A 153 -2.94 -18.45 15.58
N TRP A 154 -3.96 -17.78 15.07
CA TRP A 154 -5.27 -18.39 14.82
C TRP A 154 -5.54 -18.69 13.35
N GLN A 155 -4.89 -17.93 12.48
CA GLN A 155 -5.19 -17.93 11.08
C GLN A 155 -3.91 -18.06 10.23
N ALA A 156 -3.94 -18.93 9.21
CA ALA A 156 -2.79 -19.09 8.31
C ALA A 156 -2.58 -17.82 7.47
N ASP A 157 -1.32 -17.50 7.15
CA ASP A 157 -0.99 -16.39 6.23
C ASP A 157 -1.45 -16.66 4.78
N THR A 158 -1.93 -17.88 4.52
CA THR A 158 -2.47 -18.27 3.21
C THR A 158 -3.99 -18.07 3.14
N SER A 159 -4.58 -17.71 4.28
CA SER A 159 -6.02 -17.48 4.45
C SER A 159 -6.21 -15.96 4.57
N PRO A 160 -7.09 -15.35 3.72
CA PRO A 160 -7.24 -13.90 3.79
C PRO A 160 -7.87 -13.44 5.10
N MET A 161 -7.43 -12.30 5.62
CA MET A 161 -8.02 -11.74 6.85
C MET A 161 -9.46 -11.34 6.60
N GLY A 162 -10.21 -11.18 7.68
CA GLY A 162 -11.58 -10.71 7.59
C GLY A 162 -11.84 -9.59 8.56
N ILE A 163 -13.12 -9.28 8.77
CA ILE A 163 -13.53 -8.18 9.63
C ILE A 163 -13.19 -8.39 11.13
N ASN A 164 -12.88 -9.63 11.54
CA ASN A 164 -12.40 -9.82 12.94
C ASN A 164 -11.01 -9.21 13.17
N THR A 165 -10.27 -8.99 12.08
CA THR A 165 -9.01 -8.26 12.11
C THR A 165 -9.23 -6.78 11.84
N THR A 166 -9.84 -6.46 10.69
CA THR A 166 -10.02 -5.08 10.26
C THR A 166 -11.04 -4.31 11.09
N GLY A 167 -12.05 -5.00 11.62
CA GLY A 167 -13.29 -4.34 12.02
C GLY A 167 -14.18 -3.96 10.84
N GLY A 168 -15.37 -3.46 11.14
CA GLY A 168 -16.27 -2.92 10.10
C GLY A 168 -17.21 -3.91 9.47
N THR A 169 -17.61 -3.58 8.25
CA THR A 169 -18.71 -4.23 7.55
C THR A 169 -18.27 -4.62 6.14
N VAL A 170 -18.57 -5.87 5.74
CA VAL A 170 -18.39 -6.29 4.33
C VAL A 170 -19.37 -5.54 3.43
N MET A 171 -18.83 -4.83 2.44
CA MET A 171 -19.66 -4.03 1.54
C MET A 171 -20.00 -4.77 0.26
N GLY A 172 -19.08 -5.64 -0.17
CA GLY A 172 -19.20 -6.34 -1.43
C GLY A 172 -17.92 -7.05 -1.75
N SER A 173 -17.79 -7.48 -3.01
CA SER A 173 -16.59 -8.14 -3.54
C SER A 173 -16.43 -7.75 -4.98
N PHE A 174 -15.20 -7.70 -5.47
CA PHE A 174 -14.93 -7.61 -6.90
C PHE A 174 -13.57 -8.20 -7.22
N THR A 175 -13.29 -8.36 -8.52
CA THR A 175 -12.07 -8.98 -9.03
C THR A 175 -11.14 -7.96 -9.69
N CYS A 176 -9.88 -7.95 -9.24
CA CYS A 176 -8.81 -7.19 -9.90
C CYS A 176 -7.62 -8.12 -9.96
N ASP A 177 -6.95 -8.13 -11.10
CA ASP A 177 -5.66 -8.83 -11.23
C ASP A 177 -5.71 -10.29 -10.76
N GLY A 178 -6.74 -11.00 -11.20
CA GLY A 178 -6.80 -12.48 -11.07
C GLY A 178 -7.21 -13.01 -9.72
N SER A 179 -7.71 -12.15 -8.83
CA SER A 179 -8.32 -12.65 -7.61
C SER A 179 -9.52 -11.82 -7.23
N SER A 180 -10.48 -12.46 -6.54
CA SER A 180 -11.56 -11.75 -5.89
C SER A 180 -10.98 -10.97 -4.70
N TYR A 181 -11.62 -9.85 -4.38
CA TYR A 181 -11.28 -9.04 -3.21
C TYR A 181 -12.54 -8.82 -2.42
N GLN A 182 -12.49 -9.12 -1.13
CA GLN A 182 -13.60 -8.79 -0.24
C GLN A 182 -13.45 -7.34 0.23
N ILE A 183 -14.51 -6.56 0.11
CA ILE A 183 -14.44 -5.12 0.34
C ILE A 183 -15.05 -4.76 1.67
N ILE A 184 -14.30 -4.05 2.50
CA ILE A 184 -14.69 -3.72 3.88
C ILE A 184 -14.66 -2.21 4.13
N LYS A 185 -15.69 -1.69 4.80
CA LYS A 185 -15.70 -0.32 5.28
C LYS A 185 -15.75 -0.35 6.80
N ASN A 186 -14.84 0.39 7.42
CA ASN A 186 -14.74 0.49 8.87
C ASN A 186 -14.68 1.95 9.32
N THR A 187 -15.44 2.27 10.36
CA THR A 187 -15.38 3.60 11.01
C THR A 187 -14.41 3.61 12.20
N ARG A 188 -13.49 4.58 12.19
CA ARG A 188 -12.54 4.79 13.29
C ARG A 188 -13.02 6.03 14.04
N VAL A 189 -13.32 5.85 15.33
CA VAL A 189 -14.02 6.87 16.13
C VAL A 189 -13.00 7.53 17.07
N ASN A 190 -12.71 8.80 16.81
CA ASN A 190 -11.73 9.60 17.57
C ASN A 190 -10.37 8.95 17.69
N GLN A 191 -9.83 8.61 16.52
CA GLN A 191 -8.58 7.87 16.43
C GLN A 191 -7.53 8.77 15.81
N PRO A 192 -6.23 8.45 16.00
CA PRO A 192 -5.21 9.23 15.29
C PRO A 192 -5.35 9.15 13.76
N SER A 193 -5.05 10.27 13.11
CA SER A 193 -5.16 10.42 11.65
C SER A 193 -4.14 11.44 11.14
N ILE A 194 -4.05 11.58 9.82
CA ILE A 194 -3.25 12.67 9.23
C ILE A 194 -3.81 14.06 9.61
N GLU A 195 -5.02 14.09 10.17
CA GLU A 195 -5.69 15.34 10.55
C GLU A 195 -5.88 15.51 12.06
N GLY A 196 -5.08 14.79 12.86
CA GLY A 196 -5.25 14.78 14.31
C GLY A 196 -6.28 13.76 14.73
N ASP A 197 -6.55 13.67 16.03
CA ASP A 197 -7.50 12.70 16.57
C ASP A 197 -8.94 13.06 16.15
N LYS A 198 -9.50 12.23 15.26
CA LYS A 198 -10.89 12.40 14.80
C LYS A 198 -11.55 11.11 14.28
N THR A 199 -12.83 11.25 13.92
CA THR A 199 -13.59 10.18 13.30
C THR A 199 -13.42 10.21 11.78
N PHE A 200 -13.12 9.04 11.22
CA PHE A 200 -12.91 8.90 9.79
C PHE A 200 -13.22 7.48 9.37
N VAL A 201 -13.26 7.24 8.06
CA VAL A 201 -13.54 5.90 7.54
C VAL A 201 -12.31 5.24 6.93
N GLN A 202 -12.32 3.90 6.93
CA GLN A 202 -11.30 3.10 6.28
C GLN A 202 -11.90 2.23 5.19
N TYR A 203 -11.21 2.11 4.05
CA TYR A 203 -11.62 1.20 2.96
C TYR A 203 -10.55 0.12 2.81
N PHE A 204 -10.95 -1.15 2.76
CA PHE A 204 -10.02 -2.26 2.57
C PHE A 204 -10.49 -3.05 1.36
N SER A 205 -9.58 -3.42 0.46
CA SER A 205 -9.80 -4.51 -0.49
C SER A 205 -8.92 -5.64 0.02
N ILE A 206 -9.52 -6.75 0.45
CA ILE A 206 -8.70 -7.90 0.90
C ILE A 206 -8.56 -8.96 -0.19
N ARG A 207 -7.36 -9.12 -0.72
CA ARG A 207 -7.13 -10.18 -1.73
C ARG A 207 -7.44 -11.53 -1.14
N GLN A 208 -8.38 -12.23 -1.77
CA GLN A 208 -8.82 -13.56 -1.29
C GLN A 208 -7.76 -14.64 -1.45
N SER A 209 -6.92 -14.46 -2.45
CA SER A 209 -5.82 -15.35 -2.71
C SER A 209 -4.47 -14.58 -2.57
N PRO A 210 -3.87 -14.57 -1.34
CA PRO A 210 -2.65 -13.78 -1.06
C PRO A 210 -1.50 -14.12 -1.97
N ARG A 211 -0.70 -13.09 -2.29
CA ARG A 211 0.47 -13.29 -3.15
C ARG A 211 1.61 -12.36 -2.77
N LYS A 212 2.82 -12.74 -3.21
CA LYS A 212 4.04 -11.97 -2.96
C LYS A 212 4.63 -11.34 -4.24
N SER A 213 3.93 -11.51 -5.37
CA SER A 213 4.35 -10.87 -6.63
C SER A 213 3.19 -10.76 -7.62
N GLY A 214 3.31 -9.81 -8.54
CA GLY A 214 2.27 -9.55 -9.52
C GLY A 214 2.15 -8.04 -9.75
N THR A 215 1.07 -7.66 -10.41
CA THR A 215 0.76 -6.27 -10.68
C THR A 215 -0.57 -5.93 -10.00
N ILE A 216 -0.60 -4.78 -9.31
CA ILE A 216 -1.82 -4.27 -8.70
C ILE A 216 -2.34 -3.15 -9.61
N SER A 217 -3.54 -3.35 -10.14
CA SER A 217 -4.24 -2.34 -10.93
C SER A 217 -5.02 -1.50 -9.91
N ILE A 218 -4.35 -0.48 -9.41
CA ILE A 218 -4.84 0.30 -8.27
C ILE A 218 -6.19 0.99 -8.58
N THR A 219 -6.30 1.52 -9.80
CA THR A 219 -7.50 2.18 -10.27
C THR A 219 -8.73 1.24 -10.32
N CYS A 220 -8.52 -0.05 -10.61
CA CYS A 220 -9.55 -1.09 -10.50
C CYS A 220 -10.25 -1.00 -9.13
N HIS A 221 -9.46 -0.83 -8.08
CA HIS A 221 -9.98 -0.74 -6.71
C HIS A 221 -10.73 0.56 -6.48
N PHE A 222 -10.11 1.68 -6.85
CA PHE A 222 -10.68 3.02 -6.68
C PHE A 222 -12.04 3.12 -7.38
N LYS A 223 -12.10 2.60 -8.61
CA LYS A 223 -13.32 2.61 -9.42
C LYS A 223 -14.42 1.74 -8.84
N LYS A 224 -14.08 0.50 -8.50
CA LYS A 224 -15.07 -0.44 -8.00
C LYS A 224 -15.49 -0.16 -6.56
N TRP A 225 -14.62 0.47 -5.75
CA TRP A 225 -15.05 1.04 -4.45
C TRP A 225 -16.16 2.05 -4.70
N GLU A 226 -15.96 2.92 -5.68
CA GLU A 226 -16.97 3.91 -6.04
C GLU A 226 -18.31 3.28 -6.47
N LYS A 227 -18.27 2.19 -7.24
CA LYS A 227 -19.47 1.41 -7.59
C LYS A 227 -20.21 0.86 -6.34
N LEU A 228 -19.47 0.56 -5.29
CA LEU A 228 -20.06 0.11 -4.02
C LEU A 228 -20.46 1.29 -3.12
N GLY A 229 -20.30 2.51 -3.62
CA GLY A 229 -20.72 3.71 -2.89
C GLY A 229 -19.70 4.18 -1.88
N MET A 230 -18.45 3.79 -2.09
CA MET A 230 -17.36 4.18 -1.20
C MET A 230 -16.50 5.21 -1.93
N LYS A 231 -16.80 6.48 -1.68
CA LYS A 231 -16.18 7.59 -2.41
C LYS A 231 -14.91 8.07 -1.70
N LEU A 232 -13.93 8.48 -2.49
CA LEU A 232 -12.63 8.96 -1.98
C LEU A 232 -12.49 10.49 -1.90
N GLY A 233 -13.38 11.21 -2.59
CA GLY A 233 -13.32 12.68 -2.58
C GLY A 233 -12.37 13.22 -3.60
N ASP A 234 -11.90 14.45 -3.37
CA ASP A 234 -11.23 15.23 -4.42
C ASP A 234 -9.82 15.68 -4.04
N ASN A 235 -9.24 15.05 -3.02
CA ASN A 235 -7.89 15.38 -2.60
C ASN A 235 -7.14 14.15 -2.09
N MET A 236 -6.61 13.39 -3.04
CA MET A 236 -5.80 12.21 -2.77
C MET A 236 -4.51 12.60 -2.08
N TYR A 237 -4.27 12.03 -0.90
CA TYR A 237 -3.09 12.30 -0.10
C TYR A 237 -1.83 11.58 -0.63
N GLU A 238 -1.95 10.28 -0.87
CA GLU A 238 -0.79 9.47 -1.28
C GLU A 238 -1.25 8.12 -1.83
N CYS A 239 -0.31 7.37 -2.41
CA CYS A 239 -0.53 6.02 -2.88
C CYS A 239 0.80 5.29 -2.81
N LYS A 240 1.00 4.53 -1.74
CA LYS A 240 2.31 4.00 -1.39
C LYS A 240 2.25 2.49 -1.12
N PHE A 241 3.34 1.79 -1.42
CA PHE A 241 3.45 0.38 -1.06
C PHE A 241 3.81 0.30 0.43
N LEU A 242 3.05 -0.51 1.17
CA LEU A 242 3.11 -0.55 2.63
C LEU A 242 3.47 -1.93 3.16
N ILE A 243 4.24 -1.95 4.25
CA ILE A 243 4.29 -3.09 5.15
C ILE A 243 3.89 -2.58 6.54
N GLU A 244 2.87 -3.19 7.13
CA GLU A 244 2.45 -2.89 8.50
C GLU A 244 2.49 -4.14 9.36
N ALA A 245 3.13 -4.05 10.53
CA ALA A 245 3.31 -5.19 11.46
C ALA A 245 2.85 -4.76 12.83
N GLY A 246 1.79 -5.41 13.34
CA GLY A 246 1.25 -5.09 14.66
C GLY A 246 2.25 -5.36 15.78
N ALA A 247 2.93 -6.51 15.67
CA ALA A 247 3.95 -6.98 16.64
C ALA A 247 4.94 -7.93 15.94
N GLY A 248 5.48 -8.91 16.67
CA GLY A 248 6.34 -9.96 16.11
C GLY A 248 7.77 -9.56 15.75
N GLU A 249 8.52 -10.51 15.21
CA GLU A 249 9.87 -10.24 14.74
C GLU A 249 10.02 -10.75 13.33
N GLY A 250 10.25 -9.82 12.40
CA GLY A 250 10.18 -10.16 10.98
C GLY A 250 10.80 -9.17 10.03
N PHE A 251 10.62 -9.47 8.74
CA PHE A 251 11.21 -8.68 7.67
C PHE A 251 10.34 -8.68 6.42
N PHE A 252 10.60 -7.69 5.56
CA PHE A 252 9.99 -7.57 4.26
C PHE A 252 11.15 -7.10 3.39
N ASP A 253 11.31 -7.72 2.21
CA ASP A 253 12.41 -7.37 1.30
C ASP A 253 12.01 -7.41 -0.19
N ALA A 254 11.70 -6.24 -0.77
CA ALA A 254 11.30 -6.14 -2.15
C ALA A 254 12.48 -6.21 -3.13
N ARG A 255 12.37 -7.17 -4.05
CA ARG A 255 13.18 -7.21 -5.27
C ARG A 255 12.63 -6.25 -6.32
N LEU A 256 11.31 -5.99 -6.27
CA LEU A 256 10.64 -5.04 -7.17
C LEU A 256 9.50 -4.29 -6.49
N ILE A 257 9.52 -2.97 -6.57
CA ILE A 257 8.30 -2.17 -6.45
C ILE A 257 8.35 -1.11 -7.56
N GLN A 258 7.51 -1.27 -8.57
CA GLN A 258 7.49 -0.34 -9.72
C GLN A 258 6.11 0.27 -9.96
N PHE A 259 5.97 1.57 -9.67
CA PHE A 259 4.73 2.28 -9.94
C PHE A 259 4.75 2.82 -11.36
N TYR A 260 3.61 2.77 -12.02
CA TYR A 260 3.43 3.45 -13.29
C TYR A 260 2.00 3.85 -13.52
N ARG A 261 1.81 4.86 -14.35
CA ARG A 261 0.47 5.34 -14.68
C ARG A 261 0.35 5.43 -16.18
N ALA A 262 -0.86 5.17 -16.68
CA ALA A 262 -1.13 5.10 -18.12
C ALA A 262 -2.55 5.55 -18.42
N ASP A 263 -2.77 6.06 -19.62
CA ASP A 263 -4.12 6.41 -19.99
C ASP A 263 -4.87 5.14 -20.44
N ASN A 264 -6.09 5.29 -20.96
CA ASN A 264 -6.91 4.13 -21.33
C ASN A 264 -6.38 3.34 -22.50
N GLU A 265 -5.65 4.01 -23.38
CA GLU A 265 -4.92 3.39 -24.49
C GLU A 265 -3.74 2.54 -24.04
N GLY A 266 -3.35 2.69 -22.77
CA GLY A 266 -2.24 1.94 -22.21
C GLY A 266 -0.87 2.63 -22.24
N ASN A 267 -0.82 3.86 -22.77
CA ASN A 267 0.42 4.61 -22.95
C ASN A 267 0.88 5.25 -21.64
N ILE A 268 2.17 5.08 -21.32
CA ILE A 268 2.76 5.53 -20.05
C ILE A 268 2.69 7.05 -19.91
N LEU A 269 2.19 7.49 -18.75
CA LEU A 269 2.20 8.89 -18.33
C LEU A 269 3.31 9.13 -17.32
N GLN A 270 3.66 8.09 -16.56
CA GLN A 270 4.70 8.14 -15.53
C GLN A 270 5.18 6.73 -15.27
N ILE A 271 6.50 6.57 -15.13
CA ILE A 271 7.14 5.28 -14.81
C ILE A 271 8.52 5.55 -14.19
N THR A 272 8.97 4.62 -13.35
CA THR A 272 10.36 4.60 -12.90
C THR A 272 10.92 3.22 -13.29
N PRO A 273 12.21 3.11 -13.66
CA PRO A 273 13.16 4.22 -13.69
C PRO A 273 13.15 4.95 -15.03
N HIS A 280 22.05 1.30 -27.37
CA HIS A 280 23.28 0.59 -27.05
C HIS A 280 23.06 -0.62 -26.11
N HIS A 281 23.71 -1.74 -26.42
CA HIS A 281 23.68 -2.95 -25.56
C HIS A 281 24.34 -2.75 -24.18
#